data_1RH6
#
_entry.id   1RH6
#
_cell.length_a   80.215
_cell.length_b   72.691
_cell.length_c   38.801
_cell.angle_alpha   90.00
_cell.angle_beta   104.11
_cell.angle_gamma   90.00
#
_symmetry.space_group_name_H-M   'C 1 2 1'
#
loop_
_entity.id
_entity.type
_entity.pdbx_description
1 polymer "5'-D(*CP*TP*AP*TP*GP*TP*AP*GP*TP*CP*TP*GP*TP*TP*G)-3'"
2 polymer "5'-D(P*CP*AP*AP*CP*AP*GP*AP*CP*TP*AP*CP*AP*TP*AP*G)-3'"
3 polymer Excisionase
4 water water
#
loop_
_entity_poly.entity_id
_entity_poly.type
_entity_poly.pdbx_seq_one_letter_code
_entity_poly.pdbx_strand_id
1 'polydeoxyribonucleotide' (DC)(DT)(DA)(DT)(DG)(DT)(DA)(DG)(DT)(DC)(DT)(DG)(DT)(DT)(DG) C
2 'polydeoxyribonucleotide' (DC)(DA)(DA)(DC)(DA)(DG)(DA)(DC)(DT)(DA)(DC)(DA)(DT)(DA)(DG) D
3 'polypeptide(L)' MYLTLQEWNARQRRPRSLETVRRWVRESRIFPPPVKDGREYLFHESAVKVDLNRP A,B
#
loop_
_chem_comp.id
_chem_comp.type
_chem_comp.name
_chem_comp.formula
DA DNA linking 2'-DEOXYADENOSINE-5'-MONOPHOSPHATE 'C10 H14 N5 O6 P'
DC DNA linking 2'-DEOXYCYTIDINE-5'-MONOPHOSPHATE 'C9 H14 N3 O7 P'
DG DNA linking 2'-DEOXYGUANOSINE-5'-MONOPHOSPHATE 'C10 H14 N5 O7 P'
DT DNA linking THYMIDINE-5'-MONOPHOSPHATE 'C10 H15 N2 O8 P'
#
# COMPACT_ATOMS: atom_id res chain seq x y z
N MET C 1 5.07 -13.35 1.05
CA MET C 1 3.91 -12.50 0.65
C MET C 1 4.34 -11.67 -0.53
N TYR C 2 3.32 -11.18 -1.26
CA TYR C 2 3.48 -10.29 -2.39
C TYR C 2 2.70 -8.98 -2.09
N LEU C 3 3.26 -7.94 -2.66
CA LEU C 3 2.80 -6.56 -2.32
C LEU C 3 2.34 -5.88 -3.60
N THR C 4 1.29 -5.06 -3.50
CA THR C 4 0.94 -4.22 -4.65
C THR C 4 1.99 -3.14 -4.84
N LEU C 5 1.86 -2.35 -5.91
CA LEU C 5 2.77 -1.28 -6.11
C LEU C 5 2.79 -0.36 -4.89
N GLN C 6 1.59 0.14 -4.49
CA GLN C 6 1.45 1.02 -3.33
C GLN C 6 2.07 0.44 -2.06
N GLU C 7 1.85 -0.88 -1.84
CA GLU C 7 2.33 -1.47 -0.63
C GLU C 7 3.85 -1.66 -0.64
N TRP C 8 4.42 -2.03 -1.79
CA TRP C 8 5.82 -2.16 -1.97
C TRP C 8 6.55 -0.89 -1.81
N ASN C 9 6.01 0.15 -2.43
CA ASN C 9 6.67 1.44 -2.43
C ASN C 9 6.69 2.00 -0.95
N ALA C 10 5.64 1.85 -0.22
CA ALA C 10 5.55 2.38 1.12
C ALA C 10 6.53 1.72 2.08
N ARG C 11 6.96 0.50 1.73
CA ARG C 11 7.91 -0.29 2.51
C ARG C 11 9.37 -0.15 2.11
N GLN C 12 9.68 0.71 1.14
CA GLN C 12 11.06 0.96 0.76
C GLN C 12 11.70 2.06 1.64
N ARG C 13 13.02 2.08 1.65
CA ARG C 13 13.78 3.07 2.42
C ARG C 13 13.36 4.47 2.03
N ARG C 14 13.11 4.67 0.74
CA ARG C 14 12.60 5.95 0.23
C ARG C 14 11.46 5.74 -0.76
N PRO C 15 10.22 5.77 -0.28
CA PRO C 15 9.04 5.68 -1.17
C PRO C 15 9.09 6.83 -2.18
N ARG C 16 8.74 6.58 -3.43
CA ARG C 16 8.73 7.65 -4.48
C ARG C 16 7.34 7.74 -5.04
N SER C 17 7.17 8.50 -6.11
CA SER C 17 5.84 8.52 -6.78
C SER C 17 5.51 7.24 -7.46
N LEU C 18 4.25 6.93 -7.61
CA LEU C 18 3.84 5.77 -8.44
C LEU C 18 4.32 5.88 -9.89
N GLU C 19 4.30 7.16 -10.44
CA GLU C 19 4.86 7.36 -11.73
C GLU C 19 6.32 6.82 -11.87
N THR C 20 7.16 7.14 -10.88
CA THR C 20 8.55 6.75 -10.82
C THR C 20 8.63 5.22 -10.65
N VAL C 21 7.79 4.66 -9.80
CA VAL C 21 7.90 3.15 -9.59
C VAL C 21 7.57 2.41 -10.88
N ARG C 22 6.55 2.86 -11.59
CA ARG C 22 6.17 2.26 -12.83
C ARG C 22 7.30 2.38 -13.86
N ARG C 23 8.00 3.51 -13.89
CA ARG C 23 9.16 3.69 -14.75
C ARG C 23 10.21 2.62 -14.46
N TRP C 24 10.46 2.46 -13.17
CA TRP C 24 11.45 1.46 -12.72
C TRP C 24 11.03 0.10 -13.19
N VAL C 25 9.75 -0.23 -13.08
CA VAL C 25 9.26 -1.53 -13.55
C VAL C 25 9.45 -1.75 -15.05
N ARG C 26 9.08 -0.74 -15.84
CA ARG C 26 9.26 -0.84 -17.29
C ARG C 26 10.73 -0.96 -17.70
N GLU C 27 11.63 -0.42 -16.89
CA GLU C 27 13.08 -0.40 -17.15
C GLU C 27 13.77 -1.62 -16.59
N SER C 28 12.99 -2.48 -15.99
CA SER C 28 13.45 -3.77 -15.48
C SER C 28 14.52 -3.59 -14.40
N ARG C 29 14.27 -2.67 -13.45
CA ARG C 29 15.25 -2.31 -12.38
C ARG C 29 14.94 -2.93 -11.00
N ILE C 30 13.81 -3.62 -10.90
CA ILE C 30 13.39 -4.19 -9.64
C ILE C 30 13.55 -5.73 -9.71
N PHE C 31 14.24 -6.27 -8.71
CA PHE C 31 14.56 -7.75 -8.66
C PHE C 31 14.19 -8.33 -7.33
N PRO C 32 13.50 -9.50 -7.34
CA PRO C 32 12.98 -10.10 -8.60
C PRO C 32 11.83 -9.26 -9.21
N PRO C 33 11.59 -9.40 -10.49
CA PRO C 33 10.63 -8.52 -11.19
C PRO C 33 9.23 -8.87 -10.69
N PRO C 34 8.32 -7.89 -10.65
CA PRO C 34 6.96 -8.19 -10.25
C PRO C 34 6.18 -9.06 -11.25
N VAL C 35 5.19 -9.80 -10.77
CA VAL C 35 4.16 -10.44 -11.60
C VAL C 35 3.24 -9.30 -12.11
N LYS C 36 2.96 -9.31 -13.40
CA LYS C 36 1.98 -8.41 -13.95
C LYS C 36 0.59 -9.04 -13.87
N ASP C 37 -0.34 -8.31 -13.28
CA ASP C 37 -1.76 -8.71 -13.18
C ASP C 37 -2.67 -7.55 -13.65
N GLY C 38 -2.87 -7.45 -14.95
CA GLY C 38 -3.59 -6.31 -15.52
C GLY C 38 -2.92 -4.99 -15.19
N ARG C 39 -3.57 -4.15 -14.38
CA ARG C 39 -3.02 -2.83 -14.02
C ARG C 39 -2.12 -2.86 -12.76
N GLU C 40 -2.06 -4.02 -12.12
CA GLU C 40 -1.36 -4.16 -10.89
C GLU C 40 -0.05 -4.88 -11.25
N TYR C 41 0.96 -4.51 -10.54
CA TYR C 41 2.17 -5.29 -10.50
C TYR C 41 2.26 -5.83 -9.07
N LEU C 42 2.64 -7.11 -8.92
CA LEU C 42 2.69 -7.69 -7.62
C LEU C 42 4.16 -8.04 -7.33
N PHE C 43 4.70 -7.49 -6.24
CA PHE C 43 6.12 -7.52 -5.94
C PHE C 43 6.36 -8.53 -4.81
N HIS C 44 7.27 -9.51 -4.98
CA HIS C 44 7.66 -10.23 -3.80
C HIS C 44 8.13 -9.28 -2.74
N GLU C 45 7.82 -9.58 -1.50
CA GLU C 45 8.10 -8.64 -0.39
C GLU C 45 9.60 -8.26 -0.29
N SER C 46 10.51 -9.14 -0.75
CA SER C 46 11.95 -8.87 -0.74
C SER C 46 12.49 -8.11 -1.89
N ALA C 47 11.64 -7.72 -2.85
CA ALA C 47 12.18 -7.24 -4.11
C ALA C 47 12.74 -5.81 -3.91
N VAL C 48 13.79 -5.51 -4.61
CA VAL C 48 14.53 -4.27 -4.45
C VAL C 48 14.88 -3.61 -5.75
N LYS C 49 14.77 -2.25 -5.79
CA LYS C 49 15.37 -1.57 -6.93
C LYS C 49 16.91 -1.53 -6.88
N VAL C 50 17.54 -1.75 -8.02
CA VAL C 50 18.95 -1.62 -8.18
C VAL C 50 19.32 -0.66 -9.31
N ASP C 51 20.60 -0.39 -9.39
CA ASP C 51 21.22 0.38 -10.48
C ASP C 51 21.72 -0.59 -11.52
N LEU C 52 21.20 -0.48 -12.72
CA LEU C 52 21.59 -1.36 -13.79
C LEU C 52 22.98 -0.99 -14.33
N ASN C 53 23.39 0.24 -14.18
CA ASN C 53 24.65 0.74 -14.73
C ASN C 53 25.54 1.22 -13.62
N ARG C 54 26.84 1.05 -13.84
CA ARG C 54 27.82 1.62 -12.97
C ARG C 54 27.72 3.14 -13.05
N PRO C 55 28.06 3.86 -12.00
CA PRO C 55 28.20 5.33 -12.11
C PRO C 55 29.52 5.64 -12.86
N MET D 1 -17.82 -6.74 14.68
CA MET D 1 -18.75 -5.62 14.22
C MET D 1 -18.00 -4.56 13.42
N TYR D 2 -18.56 -4.15 12.27
CA TYR D 2 -17.82 -3.32 11.30
C TYR D 2 -18.28 -1.88 11.19
N LEU D 3 -17.37 -1.02 10.77
CA LEU D 3 -17.64 0.41 10.61
C LEU D 3 -17.24 0.90 9.24
N THR D 4 -17.83 1.99 8.78
CA THR D 4 -17.32 2.64 7.60
C THR D 4 -15.98 3.29 7.94
N LEU D 5 -15.21 3.60 6.90
CA LEU D 5 -13.94 4.28 7.05
C LEU D 5 -14.12 5.60 7.87
N GLN D 6 -15.12 6.37 7.50
CA GLN D 6 -15.38 7.64 8.18
C GLN D 6 -15.70 7.43 9.66
N GLU D 7 -16.57 6.47 9.95
CA GLU D 7 -16.97 6.20 11.35
C GLU D 7 -15.76 5.69 12.13
N TRP D 8 -14.99 4.78 11.52
CA TRP D 8 -13.80 4.27 12.18
C TRP D 8 -12.86 5.42 12.53
N ASN D 9 -12.57 6.28 11.53
CA ASN D 9 -11.63 7.37 11.70
C ASN D 9 -12.07 8.27 12.86
N ALA D 10 -13.38 8.49 12.92
CA ALA D 10 -13.95 9.39 13.92
C ALA D 10 -13.76 8.89 15.34
N ARG D 11 -13.61 7.59 15.49
CA ARG D 11 -13.48 6.98 16.80
C ARG D 11 -12.05 6.74 17.18
N GLN D 12 -11.12 7.07 16.26
CA GLN D 12 -9.71 6.90 16.58
C GLN D 12 -9.28 7.98 17.53
N ARG D 13 -8.25 7.66 18.27
CA ARG D 13 -7.64 8.61 19.18
C ARG D 13 -7.24 9.90 18.50
N ARG D 14 -6.69 9.80 17.28
CA ARG D 14 -6.32 10.94 16.45
C ARG D 14 -6.95 10.81 15.07
N PRO D 15 -8.19 11.27 14.90
CA PRO D 15 -8.80 11.31 13.57
C PRO D 15 -7.96 12.10 12.59
N ARG D 16 -7.95 11.67 11.33
CA ARG D 16 -7.24 12.33 10.27
C ARG D 16 -8.15 12.64 9.14
N SER D 17 -7.65 13.19 8.05
CA SER D 17 -8.50 13.42 6.88
C SER D 17 -8.89 12.10 6.25
N LEU D 18 -10.04 12.06 5.57
CA LEU D 18 -10.46 10.81 4.93
C LEU D 18 -9.44 10.36 3.86
N GLU D 19 -8.82 11.31 3.15
CA GLU D 19 -7.79 11.01 2.15
C GLU D 19 -6.62 10.28 2.80
N THR D 20 -6.20 10.76 3.94
CA THR D 20 -5.06 10.19 4.66
C THR D 20 -5.38 8.72 4.98
N VAL D 21 -6.55 8.53 5.53
CA VAL D 21 -6.96 7.16 5.95
C VAL D 21 -7.03 6.25 4.73
N ARG D 22 -7.58 6.71 3.60
CA ARG D 22 -7.65 5.89 2.41
C ARG D 22 -6.22 5.55 1.95
N ARG D 23 -5.27 6.48 2.07
CA ARG D 23 -3.85 6.21 1.74
C ARG D 23 -3.32 5.09 2.64
N TRP D 24 -3.68 5.14 3.91
CA TRP D 24 -3.18 4.11 4.89
C TRP D 24 -3.75 2.79 4.42
N VAL D 25 -5.01 2.73 3.98
CA VAL D 25 -5.57 1.44 3.54
C VAL D 25 -4.79 0.92 2.31
N ARG D 26 -4.61 1.75 1.28
CA ARG D 26 -3.85 1.38 0.08
C ARG D 26 -2.44 0.92 0.38
N GLU D 27 -1.80 1.47 1.42
CA GLU D 27 -0.39 1.14 1.78
C GLU D 27 -0.34 -0.09 2.75
N SER D 28 -1.50 -0.55 3.18
CA SER D 28 -1.68 -1.60 4.19
C SER D 28 -1.02 -1.29 5.52
N ARG D 29 -1.45 -0.16 6.08
CA ARG D 29 -1.01 0.27 7.38
C ARG D 29 -2.05 0.00 8.46
N ILE D 30 -3.13 -0.72 8.15
CA ILE D 30 -4.29 -0.93 9.03
C ILE D 30 -4.40 -2.43 9.33
N PHE D 31 -4.49 -2.78 10.61
CA PHE D 31 -4.61 -4.17 11.02
C PHE D 31 -5.78 -4.37 11.95
N PRO D 32 -6.71 -5.29 11.62
CA PRO D 32 -6.67 -6.12 10.42
C PRO D 32 -7.03 -5.28 9.18
N PRO D 33 -6.63 -5.68 8.01
CA PRO D 33 -6.93 -4.82 6.85
C PRO D 33 -8.41 -4.79 6.58
N PRO D 34 -8.94 -3.63 6.25
CA PRO D 34 -10.35 -3.51 5.88
C PRO D 34 -10.74 -4.29 4.68
N VAL D 35 -12.02 -4.63 4.63
CA VAL D 35 -12.70 -5.38 3.58
C VAL D 35 -13.25 -4.30 2.64
N LYS D 36 -13.07 -4.40 1.32
CA LYS D 36 -13.80 -3.51 0.38
C LYS D 36 -15.06 -4.20 -0.03
N ASP D 37 -16.18 -3.65 0.39
CA ASP D 37 -17.49 -4.23 0.13
C ASP D 37 -18.14 -3.32 -0.90
N GLY D 38 -18.02 -3.64 -2.17
CA GLY D 38 -18.65 -2.76 -3.17
C GLY D 38 -17.89 -1.46 -3.33
N ARG D 39 -18.51 -0.32 -3.03
CA ARG D 39 -17.78 0.93 -3.15
C ARG D 39 -17.13 1.43 -1.86
N GLU D 40 -17.34 0.74 -0.74
CA GLU D 40 -16.87 1.25 0.56
C GLU D 40 -16.03 0.24 1.31
N TYR D 41 -15.13 0.76 2.16
CA TYR D 41 -14.35 -0.17 3.04
C TYR D 41 -15.15 -0.43 4.30
N LEU D 42 -14.95 -1.62 4.88
CA LEU D 42 -15.52 -1.93 6.19
C LEU D 42 -14.37 -2.27 7.12
N PHE D 43 -14.27 -1.50 8.17
CA PHE D 43 -13.20 -1.67 9.18
C PHE D 43 -13.75 -2.45 10.37
N HIS D 44 -12.99 -3.43 10.84
CA HIS D 44 -13.31 -3.97 12.15
C HIS D 44 -13.20 -2.91 13.22
N GLU D 45 -14.06 -3.01 14.23
CA GLU D 45 -14.07 -2.06 15.36
C GLU D 45 -12.70 -1.80 15.97
N SER D 46 -11.93 -2.87 16.01
CA SER D 46 -10.74 -2.96 16.78
C SER D 46 -9.54 -2.62 15.92
N ALA D 47 -9.77 -2.32 14.64
CA ALA D 47 -8.65 -2.16 13.72
C ALA D 47 -7.87 -0.96 14.14
N VAL D 48 -6.58 -1.02 13.91
CA VAL D 48 -5.66 0.04 14.25
C VAL D 48 -4.64 0.31 13.17
N LYS D 49 -4.17 1.55 13.12
CA LYS D 49 -3.03 1.93 12.33
C LYS D 49 -1.76 1.35 13.01
N VAL D 50 -0.88 0.82 12.20
CA VAL D 50 0.27 0.07 12.62
C VAL D 50 1.49 0.71 11.96
N ASP D 51 2.66 0.63 12.57
CA ASP D 51 3.93 1.09 11.95
C ASP D 51 4.49 0.10 10.94
N LEU D 52 5.18 0.58 9.89
CA LEU D 52 5.76 -0.35 8.89
C LEU D 52 7.21 -0.84 9.08
#